data_7ZIT
#
_entry.id   7ZIT
#
_cell.length_a   72.180
_cell.length_b   83.517
_cell.length_c   111.356
_cell.angle_alpha   90.000
_cell.angle_beta   90.000
_cell.angle_gamma   90.000
#
_symmetry.space_group_name_H-M   'P 21 21 21'
#
loop_
_entity.id
_entity.type
_entity.pdbx_description
1 polymer '14-3-3 protein zeta/delta'
2 polymer Nucleoprotein
3 non-polymer 'ACETATE ION'
4 non-polymer GLYCEROL
5 non-polymer 'BENZOIC ACID'
6 water water
#
loop_
_entity_poly.entity_id
_entity_poly.type
_entity_poly.pdbx_seq_one_letter_code
_entity_poly.pdbx_strand_id
1 'polypeptide(L)'
;MDKNELVQKAKLAEQAERYDDMAACMKSVTEQGAELSNEERNLLSVAYKNVVGARRSSWRVVSSIEQKTEGAEKKQQMAR
EYREKIETELRDICNDVLSLLEKFLIPNASQAESKVFYLKMKGDYYRYLAEVAAGDDKKGIVDQSQQAYQEAFEISKKEM
QPTHPIRLGLALNFSVFYYEILNSPEKACSLAKTAFDEAIAELDTLSEESYKDSTLIMQLLRDNLTLWTS
;
A,B
2 'polypeptide(L)' SRN(SEP)TPG C,D
#
# COMPACT_ATOMS: atom_id res chain seq x y z
N MET A 1 26.21 -0.15 5.42
CA MET A 1 26.47 1.29 5.38
C MET A 1 27.51 1.66 4.32
N ASP A 2 27.77 0.73 3.40
CA ASP A 2 28.52 1.02 2.18
C ASP A 2 27.56 1.40 1.05
N LYS A 3 27.98 2.32 0.18
CA LYS A 3 27.03 2.92 -0.75
C LYS A 3 26.48 1.88 -1.74
N ASN A 4 27.36 1.18 -2.45
CA ASN A 4 26.88 0.18 -3.40
C ASN A 4 25.97 -0.83 -2.70
N GLU A 5 26.23 -1.12 -1.42
CA GLU A 5 25.36 -2.02 -0.66
C GLU A 5 24.01 -1.37 -0.40
N LEU A 6 24.02 -0.08 -0.01
CA LEU A 6 22.77 0.63 0.26
C LEU A 6 21.89 0.67 -0.99
N VAL A 7 22.51 0.90 -2.14
CA VAL A 7 21.75 0.96 -3.39
C VAL A 7 21.15 -0.40 -3.70
N GLN A 8 21.92 -1.48 -3.50
CA GLN A 8 21.36 -2.82 -3.74
C GLN A 8 20.19 -3.09 -2.81
N LYS A 9 20.30 -2.68 -1.54
CA LYS A 9 19.19 -2.89 -0.61
C LYS A 9 17.97 -2.06 -1.02
N ALA A 10 18.19 -0.86 -1.55
CA ALA A 10 17.07 -0.05 -2.04
C ALA A 10 16.35 -0.74 -3.19
N LYS A 11 17.10 -1.42 -4.06
CA LYS A 11 16.49 -2.13 -5.17
C LYS A 11 15.67 -3.31 -4.68
N LEU A 12 16.20 -4.03 -3.68
CA LEU A 12 15.44 -5.10 -3.03
C LEU A 12 14.15 -4.55 -2.43
N ALA A 13 14.26 -3.47 -1.66
CA ALA A 13 13.08 -2.88 -1.04
C ALA A 13 12.05 -2.49 -2.10
N GLU A 14 12.50 -1.91 -3.21
CA GLU A 14 11.57 -1.55 -4.27
C GLU A 14 10.84 -2.79 -4.77
N GLN A 15 11.58 -3.87 -5.01
CA GLN A 15 10.98 -5.10 -5.51
C GLN A 15 9.93 -5.62 -4.53
N ALA A 16 10.21 -5.47 -3.23
CA ALA A 16 9.34 -5.91 -2.16
C ALA A 16 8.21 -4.95 -1.86
N GLU A 17 8.13 -3.83 -2.61
CA GLU A 17 7.17 -2.75 -2.36
C GLU A 17 7.22 -2.28 -0.91
N ARG A 18 8.43 -2.21 -0.35
CA ARG A 18 8.65 -1.65 0.98
C ARG A 18 9.32 -0.30 0.79
N TYR A 19 8.50 0.74 0.54
CA TYR A 19 9.05 2.02 0.09
C TYR A 19 9.65 2.83 1.24
N ASP A 20 9.20 2.61 2.49
CA ASP A 20 9.89 3.22 3.62
C ASP A 20 11.33 2.76 3.70
N ASP A 21 11.55 1.44 3.65
CA ASP A 21 12.90 0.90 3.59
C ASP A 21 13.68 1.48 2.42
N MET A 22 13.03 1.57 1.25
CA MET A 22 13.80 1.99 0.09
C MET A 22 14.18 3.46 0.22
N ALA A 23 13.27 4.30 0.78
CA ALA A 23 13.61 5.70 1.00
C ALA A 23 14.73 5.85 2.03
N ALA A 24 14.72 5.02 3.08
CA ALA A 24 15.77 5.12 4.09
C ALA A 24 17.13 4.77 3.51
N CYS A 25 17.20 3.74 2.65
CA CYS A 25 18.46 3.40 2.02
C CYS A 25 18.97 4.56 1.18
N MET A 26 18.10 5.17 0.37
CA MET A 26 18.59 6.25 -0.48
C MET A 26 18.79 7.56 0.26
N LYS A 27 18.10 7.80 1.36
CA LYS A 27 18.50 8.89 2.23
C LYS A 27 19.93 8.70 2.70
N SER A 28 20.28 7.49 3.14
CA SER A 28 21.65 7.24 3.62
C SER A 28 22.67 7.44 2.51
N VAL A 29 22.36 6.98 1.30
CA VAL A 29 23.26 7.18 0.17
C VAL A 29 23.47 8.67 -0.10
N THR A 30 22.38 9.44 -0.12
CA THR A 30 22.48 10.87 -0.34
C THR A 30 23.33 11.54 0.74
N GLU A 31 23.15 11.12 1.99
CA GLU A 31 23.88 11.74 3.09
C GLU A 31 25.37 11.41 3.06
N GLN A 32 25.80 10.46 2.23
CA GLN A 32 27.23 10.27 2.09
C GLN A 32 27.89 11.43 1.38
N GLY A 33 27.11 12.28 0.71
CA GLY A 33 27.57 13.59 0.29
C GLY A 33 28.05 13.68 -1.14
N ALA A 34 28.18 12.57 -1.85
CA ALA A 34 28.62 12.60 -3.23
C ALA A 34 27.42 12.73 -4.16
N GLU A 35 27.66 13.33 -5.33
CA GLU A 35 26.60 13.49 -6.33
C GLU A 35 26.02 12.14 -6.73
N LEU A 36 24.68 12.06 -6.76
CA LEU A 36 24.04 10.80 -7.12
C LEU A 36 24.15 10.53 -8.61
N SER A 37 24.37 9.27 -8.95
CA SER A 37 24.22 8.82 -10.33
C SER A 37 22.76 8.97 -10.75
N ASN A 38 22.53 8.92 -12.07
CA ASN A 38 21.14 8.94 -12.55
C ASN A 38 20.33 7.79 -11.95
N GLU A 39 20.94 6.61 -11.84
CA GLU A 39 20.23 5.47 -11.25
C GLU A 39 19.89 5.75 -9.79
N GLU A 40 20.83 6.30 -9.03
CA GLU A 40 20.58 6.62 -7.64
C GLU A 40 19.52 7.70 -7.50
N ARG A 41 19.59 8.73 -8.36
CA ARG A 41 18.58 9.79 -8.32
C ARG A 41 17.19 9.23 -8.55
N ASN A 42 17.03 8.33 -9.53
CA ASN A 42 15.70 7.80 -9.80
C ASN A 42 15.22 6.91 -8.66
N LEU A 43 16.11 6.19 -8.00
CA LEU A 43 15.68 5.38 -6.86
C LEU A 43 15.19 6.26 -5.73
N LEU A 44 15.94 7.33 -5.45
CA LEU A 44 15.54 8.26 -4.40
C LEU A 44 14.17 8.85 -4.71
N SER A 45 14.00 9.33 -5.94
CA SER A 45 12.74 9.97 -6.33
C SER A 45 11.57 8.99 -6.27
N VAL A 46 11.75 7.78 -6.81
CA VAL A 46 10.67 6.80 -6.76
C VAL A 46 10.32 6.47 -5.32
N ALA A 47 11.32 6.24 -4.47
CA ALA A 47 11.06 5.91 -3.08
C ALA A 47 10.20 6.99 -2.41
N TYR A 48 10.66 8.25 -2.47
CA TYR A 48 9.93 9.26 -1.71
C TYR A 48 8.58 9.54 -2.34
N LYS A 49 8.47 9.43 -3.67
CA LYS A 49 7.16 9.67 -4.29
C LYS A 49 6.13 8.69 -3.75
N ASN A 50 6.52 7.42 -3.58
CA ASN A 50 5.61 6.42 -3.03
C ASN A 50 5.30 6.69 -1.57
N VAL A 51 6.33 7.04 -0.78
CA VAL A 51 6.14 7.34 0.63
C VAL A 51 5.19 8.52 0.82
N VAL A 52 5.46 9.64 0.13
CA VAL A 52 4.61 10.80 0.32
C VAL A 52 3.26 10.56 -0.35
N GLY A 53 3.24 9.78 -1.43
CA GLY A 53 2.00 9.58 -2.15
C GLY A 53 0.96 8.84 -1.32
N ALA A 54 1.41 7.87 -0.51
CA ALA A 54 0.48 7.18 0.38
C ALA A 54 -0.19 8.16 1.34
N ARG A 55 0.58 9.09 1.93
CA ARG A 55 -0.03 10.06 2.84
C ARG A 55 -0.94 11.03 2.11
N ARG A 56 -0.52 11.51 0.93
CA ARG A 56 -1.39 12.41 0.18
C ARG A 56 -2.72 11.73 -0.14
N SER A 57 -2.68 10.47 -0.59
CA SER A 57 -3.93 9.75 -0.86
C SER A 57 -4.77 9.63 0.41
N SER A 58 -4.17 9.19 1.52
CA SER A 58 -4.93 9.07 2.77
C SER A 58 -5.51 10.42 3.16
N TRP A 59 -4.73 11.48 3.02
CA TRP A 59 -5.19 12.81 3.40
C TRP A 59 -6.41 13.22 2.60
N ARG A 60 -6.42 12.96 1.30
CA ARG A 60 -7.58 13.30 0.49
C ARG A 60 -8.81 12.51 0.91
N VAL A 61 -8.64 11.22 1.20
CA VAL A 61 -9.78 10.41 1.66
C VAL A 61 -10.37 11.02 2.94
N VAL A 62 -9.50 11.27 3.93
CA VAL A 62 -10.01 11.70 5.23
C VAL A 62 -10.55 13.12 5.15
N SER A 63 -9.90 13.98 4.36
CA SER A 63 -10.40 15.33 4.18
C SER A 63 -11.78 15.33 3.54
N SER A 64 -12.01 14.39 2.62
CA SER A 64 -13.32 14.29 1.99
C SER A 64 -14.38 13.83 3.00
N ILE A 65 -14.03 12.86 3.85
CA ILE A 65 -14.94 12.42 4.89
C ILE A 65 -15.24 13.58 5.84
N GLU A 66 -14.20 14.30 6.27
CA GLU A 66 -14.40 15.47 7.12
C GLU A 66 -15.41 16.43 6.54
N GLN A 67 -15.31 16.72 5.23
CA GLN A 67 -16.26 17.64 4.61
C GLN A 67 -17.66 17.02 4.52
N LYS A 68 -17.75 15.72 4.28
CA LYS A 68 -19.06 15.09 4.16
C LYS A 68 -19.75 14.89 5.51
N THR A 69 -19.03 15.00 6.63
CA THR A 69 -19.65 14.86 7.95
C THR A 69 -20.00 16.22 8.57
N GLU A 70 -20.13 17.27 7.77
CA GLU A 70 -20.61 18.53 8.29
C GLU A 70 -21.98 18.32 8.94
N GLY A 71 -22.16 18.90 10.12
CA GLY A 71 -23.38 18.66 10.89
C GLY A 71 -23.37 17.40 11.71
N ALA A 72 -22.28 16.64 11.70
CA ALA A 72 -22.18 15.43 12.51
C ALA A 72 -20.91 15.61 13.33
N GLU A 73 -21.07 16.19 14.52
CA GLU A 73 -19.97 16.84 15.21
C GLU A 73 -18.91 15.83 15.64
N LYS A 74 -19.32 14.74 16.28
CA LYS A 74 -18.37 13.74 16.73
C LYS A 74 -17.59 13.16 15.56
N LYS A 75 -18.31 12.72 14.52
CA LYS A 75 -17.64 12.13 13.36
C LYS A 75 -16.69 13.12 12.70
N GLN A 76 -17.12 14.36 12.54
CA GLN A 76 -16.27 15.34 11.87
C GLN A 76 -15.03 15.65 12.71
N GLN A 77 -15.19 15.74 14.02
CA GLN A 77 -14.02 16.01 14.85
C GLN A 77 -13.04 14.85 14.78
N MET A 78 -13.54 13.61 14.72
CA MET A 78 -12.63 12.49 14.61
C MET A 78 -11.90 12.51 13.27
N ALA A 79 -12.61 12.82 12.18
CA ALA A 79 -11.94 12.95 10.88
C ALA A 79 -10.89 14.06 10.91
N ARG A 80 -11.23 15.21 11.48
CA ARG A 80 -10.27 16.31 11.59
C ARG A 80 -9.00 15.86 12.31
N GLU A 81 -9.17 15.22 13.47
CA GLU A 81 -7.99 14.82 14.24
C GLU A 81 -7.15 13.80 13.49
N TYR A 82 -7.79 12.87 12.79
CA TYR A 82 -7.03 11.91 11.99
C TYR A 82 -6.35 12.59 10.81
N ARG A 83 -7.04 13.53 10.15
CA ARG A 83 -6.39 14.30 9.09
C ARG A 83 -5.16 15.02 9.62
N GLU A 84 -5.23 15.58 10.83
CA GLU A 84 -4.09 16.31 11.37
C GLU A 84 -2.92 15.38 11.65
N LYS A 85 -3.21 14.16 12.11
CA LYS A 85 -2.18 13.16 12.32
C LYS A 85 -1.49 12.81 11.00
N ILE A 86 -2.28 12.58 9.95
CA ILE A 86 -1.70 12.28 8.64
C ILE A 86 -0.88 13.48 8.13
N GLU A 87 -1.38 14.70 8.36
CA GLU A 87 -0.66 15.89 7.94
C GLU A 87 0.72 15.97 8.59
N THR A 88 0.80 15.62 9.86
CA THR A 88 2.10 15.64 10.53
C THR A 88 3.08 14.70 9.85
N GLU A 89 2.64 13.48 9.52
CA GLU A 89 3.49 12.54 8.79
C GLU A 89 3.91 13.13 7.45
N LEU A 90 2.93 13.67 6.71
CA LEU A 90 3.21 14.23 5.39
C LEU A 90 4.24 15.36 5.46
N ARG A 91 4.06 16.28 6.42
CA ARG A 91 5.01 17.37 6.58
C ARG A 91 6.40 16.85 6.91
N ASP A 92 6.48 15.84 7.77
CA ASP A 92 7.78 15.30 8.14
C ASP A 92 8.47 14.68 6.94
N ILE A 93 7.73 13.94 6.12
CA ILE A 93 8.29 13.39 4.88
C ILE A 93 8.79 14.50 3.97
N CYS A 94 7.95 15.50 3.72
CA CYS A 94 8.36 16.61 2.86
C CYS A 94 9.57 17.33 3.41
N ASN A 95 9.61 17.54 4.73
CA ASN A 95 10.72 18.27 5.31
C ASN A 95 12.02 17.48 5.16
N ASP A 96 11.94 16.16 5.24
CA ASP A 96 13.12 15.31 5.01
C ASP A 96 13.65 15.48 3.60
N VAL A 97 12.77 15.32 2.60
CA VAL A 97 13.18 15.48 1.20
C VAL A 97 13.74 16.87 0.96
N LEU A 98 13.05 17.90 1.45
CA LEU A 98 13.49 19.26 1.20
C LEU A 98 14.84 19.53 1.83
N SER A 99 15.12 18.92 2.99
CA SER A 99 16.43 19.06 3.59
C SER A 99 17.52 18.34 2.78
N LEU A 100 17.22 17.14 2.24
CA LEU A 100 18.21 16.49 1.38
C LEU A 100 18.50 17.36 0.16
N LEU A 101 17.46 17.98 -0.39
CA LEU A 101 17.61 18.83 -1.58
C LEU A 101 18.50 20.03 -1.27
N GLU A 102 18.27 20.68 -0.13
CA GLU A 102 19.03 21.88 0.23
C GLU A 102 20.47 21.54 0.60
N LYS A 103 20.66 20.46 1.34
CA LYS A 103 21.98 20.13 1.87
C LYS A 103 22.87 19.42 0.85
N PHE A 104 22.30 18.56 -0.01
CA PHE A 104 23.11 17.71 -0.86
C PHE A 104 22.78 17.84 -2.34
N LEU A 105 21.51 17.64 -2.68
CA LEU A 105 21.17 17.35 -4.08
C LEU A 105 21.33 18.57 -4.96
N ILE A 106 20.80 19.71 -4.53
CA ILE A 106 20.87 20.91 -5.36
C ILE A 106 22.30 21.45 -5.36
N PRO A 107 22.98 21.58 -4.20
CA PRO A 107 24.37 22.09 -4.22
C PRO A 107 25.33 21.22 -4.98
N ASN A 108 25.10 19.91 -5.04
CA ASN A 108 26.02 18.97 -5.68
C ASN A 108 25.76 18.83 -7.17
N ALA A 109 24.67 19.38 -7.69
CA ALA A 109 24.25 19.15 -9.07
C ALA A 109 25.22 19.83 -10.03
N SER A 110 25.96 19.03 -10.80
CA SER A 110 26.99 19.56 -11.68
C SER A 110 26.53 19.72 -13.13
N GLN A 111 25.30 19.32 -13.45
CA GLN A 111 24.78 19.35 -14.82
C GLN A 111 23.41 20.02 -14.84
N ALA A 112 23.10 20.68 -15.96
CA ALA A 112 21.82 21.38 -16.08
C ALA A 112 20.65 20.43 -15.87
N GLU A 113 20.72 19.23 -16.46
CA GLU A 113 19.61 18.29 -16.35
C GLU A 113 19.28 17.97 -14.90
N SER A 114 20.30 17.69 -14.09
CA SER A 114 19.97 17.31 -12.73
C SER A 114 19.66 18.53 -11.86
N LYS A 115 20.23 19.70 -12.18
CA LYS A 115 19.77 20.94 -11.57
C LYS A 115 18.27 21.12 -11.77
N VAL A 116 17.79 20.94 -13.01
CA VAL A 116 16.35 21.07 -13.28
C VAL A 116 15.57 20.01 -12.53
N PHE A 117 16.05 18.76 -12.57
CA PHE A 117 15.34 17.67 -11.89
C PHE A 117 15.14 17.97 -10.41
N TYR A 118 16.21 18.41 -9.73
CA TYR A 118 16.10 18.62 -8.29
C TYR A 118 15.33 19.90 -7.95
N LEU A 119 15.42 20.95 -8.77
CA LEU A 119 14.59 22.13 -8.50
C LEU A 119 13.13 21.81 -8.73
N LYS A 120 12.84 20.98 -9.74
CA LYS A 120 11.47 20.50 -9.90
C LYS A 120 11.03 19.73 -8.67
N MET A 121 11.90 18.89 -8.14
CA MET A 121 11.47 18.10 -7.00
C MET A 121 11.30 18.98 -5.76
N LYS A 122 12.11 20.05 -5.65
CA LYS A 122 11.88 21.04 -4.61
C LYS A 122 10.52 21.72 -4.78
N GLY A 123 10.18 22.11 -6.01
CA GLY A 123 8.86 22.68 -6.25
C GLY A 123 7.75 21.70 -5.89
N ASP A 124 7.91 20.43 -6.28
CA ASP A 124 6.90 19.42 -5.99
C ASP A 124 6.67 19.28 -4.49
N TYR A 125 7.74 19.13 -3.71
CA TYR A 125 7.54 18.83 -2.29
C TYR A 125 7.06 20.06 -1.51
N TYR A 126 7.43 21.27 -1.93
CA TYR A 126 6.79 22.46 -1.37
C TYR A 126 5.33 22.56 -1.81
N ARG A 127 5.01 22.11 -3.02
CA ARG A 127 3.62 22.05 -3.43
C ARG A 127 2.84 21.07 -2.55
N TYR A 128 3.44 19.93 -2.21
CA TYR A 128 2.73 18.99 -1.32
C TYR A 128 2.53 19.59 0.07
N LEU A 129 3.49 20.36 0.56
CA LEU A 129 3.26 21.11 1.80
C LEU A 129 2.14 22.12 1.61
N ALA A 130 2.09 22.77 0.44
CA ALA A 130 1.05 23.76 0.20
C ALA A 130 -0.34 23.14 0.18
N GLU A 131 -0.43 21.89 -0.29
CA GLU A 131 -1.72 21.22 -0.35
C GLU A 131 -2.38 21.13 1.01
N VAL A 132 -1.58 21.08 2.09
CA VAL A 132 -2.11 20.91 3.44
C VAL A 132 -1.78 22.09 4.35
N ALA A 133 -1.19 23.15 3.81
CA ALA A 133 -0.87 24.30 4.62
C ALA A 133 -2.13 25.13 4.86
N ALA A 134 -2.25 25.68 6.06
CA ALA A 134 -3.30 26.63 6.38
C ALA A 134 -2.70 27.78 7.15
N GLY A 135 -3.29 28.96 6.98
CA GLY A 135 -2.93 30.10 7.80
C GLY A 135 -1.67 30.82 7.41
N ASP A 136 -0.90 31.25 8.42
CA ASP A 136 0.23 32.16 8.19
C ASP A 136 1.34 31.49 7.39
N ASP A 137 1.51 30.17 7.54
CA ASP A 137 2.62 29.48 6.89
C ASP A 137 2.42 29.33 5.38
N LYS A 138 1.17 29.38 4.92
CA LYS A 138 0.89 28.95 3.55
C LYS A 138 1.56 29.86 2.53
N LYS A 139 1.51 31.18 2.72
CA LYS A 139 2.04 32.09 1.71
C LYS A 139 3.52 31.81 1.43
N GLY A 140 4.33 31.63 2.47
CA GLY A 140 5.75 31.39 2.26
C GLY A 140 6.03 30.04 1.62
N ILE A 141 5.23 29.03 1.96
CA ILE A 141 5.38 27.71 1.32
C ILE A 141 5.04 27.80 -0.16
N VAL A 142 3.93 28.45 -0.50
CA VAL A 142 3.57 28.63 -1.90
C VAL A 142 4.68 29.38 -2.63
N ASP A 143 5.25 30.41 -1.99
CA ASP A 143 6.32 31.17 -2.62
C ASP A 143 7.54 30.30 -2.88
N GLN A 144 7.90 29.44 -1.93
CA GLN A 144 9.05 28.55 -2.11
C GLN A 144 8.83 27.62 -3.29
N SER A 145 7.63 27.03 -3.36
CA SER A 145 7.30 26.15 -4.49
C SER A 145 7.45 26.89 -5.81
N GLN A 146 6.84 28.07 -5.92
CA GLN A 146 6.87 28.82 -7.17
C GLN A 146 8.29 29.19 -7.56
N GLN A 147 9.09 29.65 -6.60
CA GLN A 147 10.46 30.05 -6.90
C GLN A 147 11.29 28.88 -7.39
N ALA A 148 11.10 27.69 -6.82
CA ALA A 148 11.86 26.54 -7.27
C ALA A 148 11.43 26.13 -8.67
N TYR A 149 10.11 26.05 -8.90
CA TYR A 149 9.60 25.77 -10.24
C TYR A 149 10.11 26.79 -11.25
N GLN A 150 10.04 28.07 -10.89
CA GLN A 150 10.44 29.11 -11.85
C GLN A 150 11.89 28.98 -12.27
N GLU A 151 12.78 28.71 -11.30
CA GLU A 151 14.19 28.58 -11.65
C GLU A 151 14.40 27.35 -12.52
N ALA A 152 13.78 26.23 -12.13
CA ALA A 152 13.83 25.03 -12.98
C ALA A 152 13.30 25.33 -14.38
N PHE A 153 12.20 26.09 -14.46
CA PHE A 153 11.59 26.39 -15.74
C PHE A 153 12.55 27.16 -16.64
N GLU A 154 13.24 28.15 -16.07
CA GLU A 154 14.14 28.98 -16.87
C GLU A 154 15.34 28.17 -17.37
N ILE A 155 15.93 27.35 -16.50
CA ILE A 155 17.06 26.52 -16.94
C ILE A 155 16.61 25.52 -18.00
N SER A 156 15.43 24.90 -17.81
CA SER A 156 14.98 23.90 -18.77
C SER A 156 14.77 24.52 -20.16
N LYS A 157 14.24 25.74 -20.20
CA LYS A 157 13.99 26.36 -21.50
C LYS A 157 15.31 26.76 -22.18
N LYS A 158 16.30 27.15 -21.39
CA LYS A 158 17.58 27.55 -21.95
C LYS A 158 18.42 26.35 -22.38
N GLU A 159 18.33 25.22 -21.67
CA GLU A 159 19.30 24.14 -21.84
C GLU A 159 18.75 22.86 -22.44
N MET A 160 17.45 22.60 -22.35
CA MET A 160 16.93 21.33 -22.84
C MET A 160 16.02 21.49 -24.04
N GLN A 161 15.91 20.41 -24.81
CA GLN A 161 15.01 20.42 -25.96
C GLN A 161 13.57 20.38 -25.47
N PRO A 162 12.64 20.90 -26.28
CA PRO A 162 11.24 20.98 -25.83
C PRO A 162 10.58 19.62 -25.64
N THR A 163 11.17 18.55 -26.16
CA THR A 163 10.64 17.20 -26.01
C THR A 163 11.28 16.44 -24.84
N HIS A 164 12.24 17.06 -24.15
CA HIS A 164 12.89 16.39 -23.03
C HIS A 164 11.87 16.03 -21.96
N PRO A 165 11.82 14.77 -21.51
CA PRO A 165 10.80 14.40 -20.52
C PRO A 165 10.87 15.20 -19.24
N ILE A 166 12.06 15.67 -18.84
CA ILE A 166 12.16 16.43 -17.61
C ILE A 166 11.61 17.85 -17.80
N ARG A 167 11.91 18.46 -18.95
CA ARG A 167 11.34 19.76 -19.28
C ARG A 167 9.83 19.66 -19.41
N LEU A 168 9.33 18.61 -20.08
CA LEU A 168 7.89 18.45 -20.22
C LEU A 168 7.23 18.18 -18.86
N GLY A 169 7.85 17.32 -18.05
CA GLY A 169 7.27 16.99 -16.76
C GLY A 169 7.28 18.18 -15.82
N LEU A 170 8.32 18.99 -15.89
CA LEU A 170 8.34 20.25 -15.14
C LEU A 170 7.18 21.14 -15.56
N ALA A 171 6.94 21.29 -16.86
CA ALA A 171 5.81 22.10 -17.31
C ALA A 171 4.51 21.54 -16.77
N LEU A 172 4.34 20.22 -16.86
CA LEU A 172 3.12 19.61 -16.35
C LEU A 172 2.88 19.98 -14.89
N ASN A 173 3.91 19.80 -14.04
CA ASN A 173 3.71 20.02 -12.60
C ASN A 173 3.60 21.51 -12.27
N PHE A 174 4.37 22.35 -12.94
CA PHE A 174 4.25 23.79 -12.74
C PHE A 174 2.85 24.24 -13.14
N SER A 175 2.33 23.69 -14.24
CA SER A 175 0.96 24.03 -14.64
CA SER A 175 0.95 24.03 -14.64
C SER A 175 -0.06 23.60 -13.58
N VAL A 176 0.10 22.40 -13.03
CA VAL A 176 -0.78 21.96 -11.95
C VAL A 176 -0.67 22.90 -10.75
N PHE A 177 0.56 23.33 -10.43
CA PHE A 177 0.77 24.30 -9.36
C PHE A 177 -0.08 25.55 -9.58
N TYR A 178 -0.01 26.12 -10.80
CA TYR A 178 -0.79 27.32 -11.07
C TYR A 178 -2.28 27.05 -10.93
N TYR A 179 -2.75 25.92 -11.45
CA TYR A 179 -4.17 25.63 -11.41
C TYR A 179 -4.66 25.40 -9.98
N GLU A 180 -3.98 24.58 -9.20
CA GLU A 180 -4.48 24.08 -7.92
C GLU A 180 -4.04 24.91 -6.73
N ILE A 181 -2.80 25.37 -6.74
CA ILE A 181 -2.26 26.09 -5.59
C ILE A 181 -2.53 27.58 -5.72
N LEU A 182 -2.27 28.14 -6.90
CA LEU A 182 -2.48 29.57 -7.12
C LEU A 182 -3.84 29.90 -7.70
N ASN A 183 -4.69 28.89 -7.95
CA ASN A 183 -6.03 29.14 -8.43
C ASN A 183 -6.00 30.02 -9.67
N SER A 184 -5.10 29.70 -10.60
CA SER A 184 -4.85 30.51 -11.80
C SER A 184 -5.02 29.61 -13.02
N PRO A 185 -6.26 29.33 -13.43
CA PRO A 185 -6.48 28.38 -14.54
C PRO A 185 -5.97 28.87 -15.88
N GLU A 186 -6.07 30.17 -16.16
CA GLU A 186 -5.61 30.63 -17.46
C GLU A 186 -4.10 30.50 -17.60
N LYS A 187 -3.36 30.80 -16.55
CA LYS A 187 -1.91 30.60 -16.56
C LYS A 187 -1.57 29.10 -16.67
N ALA A 188 -2.29 28.27 -15.92
CA ALA A 188 -2.10 26.82 -16.01
C ALA A 188 -2.29 26.34 -17.45
N CYS A 189 -3.38 26.78 -18.09
CA CYS A 189 -3.65 26.33 -19.45
C CYS A 189 -2.61 26.87 -20.43
N SER A 190 -2.21 28.13 -20.28
CA SER A 190 -1.21 28.70 -21.16
C SER A 190 0.11 27.93 -21.07
N LEU A 191 0.53 27.60 -19.84
CA LEU A 191 1.80 26.89 -19.65
C LEU A 191 1.73 25.49 -20.26
N ALA A 192 0.65 24.76 -20.01
CA ALA A 192 0.53 23.41 -20.55
C ALA A 192 0.41 23.43 -22.07
N LYS A 193 -0.37 24.37 -22.61
CA LYS A 193 -0.51 24.45 -24.06
C LYS A 193 0.81 24.78 -24.73
N THR A 194 1.54 25.75 -24.19
CA THR A 194 2.82 26.12 -24.80
C THR A 194 3.78 24.93 -24.79
N ALA A 195 3.84 24.20 -23.69
CA ALA A 195 4.76 23.06 -23.62
C ALA A 195 4.38 21.99 -24.63
N PHE A 196 3.09 21.68 -24.74
CA PHE A 196 2.65 20.72 -25.75
C PHE A 196 2.97 21.21 -27.15
N ASP A 197 2.63 22.46 -27.44
CA ASP A 197 2.81 22.95 -28.81
C ASP A 197 4.29 23.02 -29.20
N GLU A 198 5.16 23.43 -28.26
CA GLU A 198 6.58 23.51 -28.59
C GLU A 198 7.20 22.12 -28.81
N ALA A 199 6.69 21.10 -28.12
CA ALA A 199 7.18 19.75 -28.38
C ALA A 199 6.67 19.23 -29.72
N ILE A 200 5.39 19.45 -30.02
CA ILE A 200 4.83 19.05 -31.31
C ILE A 200 5.64 19.64 -32.45
N ALA A 201 6.16 20.86 -32.25
CA ALA A 201 6.88 21.55 -33.32
C ALA A 201 8.27 21.00 -33.56
N GLU A 202 8.80 20.20 -32.64
CA GLU A 202 10.18 19.70 -32.76
C GLU A 202 10.27 18.23 -32.40
N LEU A 203 9.40 17.40 -32.99
CA LEU A 203 9.40 15.98 -32.65
C LEU A 203 10.65 15.27 -33.15
N ASP A 204 11.40 15.89 -34.05
CA ASP A 204 12.69 15.33 -34.46
C ASP A 204 13.70 15.31 -33.33
N THR A 205 13.46 16.07 -32.25
CA THR A 205 14.36 16.06 -31.10
C THR A 205 14.08 14.92 -30.13
N LEU A 206 13.05 14.10 -30.36
CA LEU A 206 12.86 12.92 -29.53
C LEU A 206 14.04 11.98 -29.67
N SER A 207 14.31 11.20 -28.63
CA SER A 207 15.31 10.15 -28.70
C SER A 207 14.64 8.80 -28.52
N GLU A 208 15.26 7.75 -29.07
CA GLU A 208 14.73 6.42 -28.86
C GLU A 208 14.72 6.06 -27.38
N GLU A 209 15.71 6.56 -26.63
CA GLU A 209 15.82 6.18 -25.23
C GLU A 209 14.62 6.66 -24.42
N SER A 210 14.13 7.88 -24.70
CA SER A 210 13.14 8.50 -23.83
C SER A 210 11.87 8.96 -24.55
N TYR A 211 11.66 8.59 -25.82
CA TYR A 211 10.47 9.06 -26.53
C TYR A 211 9.18 8.58 -25.88
N LYS A 212 9.17 7.40 -25.28
CA LYS A 212 7.96 6.91 -24.62
C LYS A 212 7.57 7.80 -23.45
N ASP A 213 8.56 8.19 -22.64
CA ASP A 213 8.32 9.14 -21.54
C ASP A 213 7.85 10.48 -22.08
N SER A 214 8.49 10.98 -23.13
CA SER A 214 8.10 12.28 -23.70
C SER A 214 6.66 12.25 -24.18
N THR A 215 6.30 11.24 -24.98
CA THR A 215 4.96 11.25 -25.56
C THR A 215 3.90 10.98 -24.50
N LEU A 216 4.22 10.18 -23.47
CA LEU A 216 3.31 10.05 -22.33
C LEU A 216 3.03 11.41 -21.71
N ILE A 217 4.09 12.17 -21.41
CA ILE A 217 3.87 13.45 -20.72
C ILE A 217 3.13 14.43 -21.63
N MET A 218 3.43 14.41 -22.93
CA MET A 218 2.63 15.27 -23.81
C MET A 218 1.15 14.93 -23.76
N GLN A 219 0.82 13.64 -23.69
CA GLN A 219 -0.60 13.29 -23.59
C GLN A 219 -1.20 13.77 -22.28
N LEU A 220 -0.45 13.66 -21.17
CA LEU A 220 -0.92 14.17 -19.89
C LEU A 220 -1.13 15.68 -19.92
N LEU A 221 -0.21 16.41 -20.55
CA LEU A 221 -0.38 17.85 -20.70
C LEU A 221 -1.70 18.16 -21.42
N ARG A 222 -1.96 17.50 -22.55
CA ARG A 222 -3.19 17.80 -23.28
C ARG A 222 -4.41 17.31 -22.51
N ASP A 223 -4.28 16.21 -21.74
CA ASP A 223 -5.40 15.74 -20.93
C ASP A 223 -5.77 16.77 -19.86
N ASN A 224 -4.78 17.41 -19.25
CA ASN A 224 -5.08 18.49 -18.31
C ASN A 224 -5.76 19.66 -19.03
N LEU A 225 -5.21 20.05 -20.16
CA LEU A 225 -5.79 21.14 -20.94
C LEU A 225 -7.24 20.84 -21.26
N THR A 226 -7.53 19.60 -21.69
CA THR A 226 -8.90 19.21 -21.99
C THR A 226 -9.79 19.27 -20.75
N LEU A 227 -9.28 18.78 -19.62
CA LEU A 227 -10.07 18.80 -18.38
C LEU A 227 -10.38 20.22 -17.94
N TRP A 228 -9.37 21.11 -18.02
CA TRP A 228 -9.48 22.48 -17.53
C TRP A 228 -10.22 23.41 -18.48
N THR A 229 -10.44 23.00 -19.73
CA THR A 229 -11.21 23.79 -20.68
C THR A 229 -12.57 23.16 -20.98
N SER A 230 -12.97 22.13 -20.25
CA SER A 230 -14.19 21.40 -20.53
C SER A 230 -15.38 22.04 -19.80
N MET B 1 -9.49 4.72 24.11
CA MET B 1 -10.62 5.48 24.63
C MET B 1 -11.89 4.65 24.67
N ASP B 2 -13.01 5.24 24.26
CA ASP B 2 -14.28 4.54 24.24
C ASP B 2 -14.32 3.56 23.07
N LYS B 3 -14.92 2.39 23.31
CA LYS B 3 -14.99 1.34 22.29
C LYS B 3 -15.57 1.88 20.99
N ASN B 4 -16.67 2.63 21.09
CA ASN B 4 -17.30 3.17 19.90
C ASN B 4 -16.36 4.10 19.15
N GLU B 5 -15.60 4.92 19.88
CA GLU B 5 -14.62 5.78 19.24
C GLU B 5 -13.57 4.97 18.49
N LEU B 6 -13.00 3.97 19.14
CA LEU B 6 -11.95 3.16 18.51
C LEU B 6 -12.46 2.52 17.23
N VAL B 7 -13.71 2.03 17.26
CA VAL B 7 -14.28 1.36 16.09
C VAL B 7 -14.50 2.35 14.96
N GLN B 8 -14.95 3.56 15.28
CA GLN B 8 -15.05 4.61 14.27
C GLN B 8 -13.68 4.95 13.69
N LYS B 9 -12.65 5.02 14.54
CA LYS B 9 -11.33 5.33 14.01
C LYS B 9 -10.81 4.19 13.14
N ALA B 10 -11.14 2.95 13.48
CA ALA B 10 -10.72 1.83 12.63
C ALA B 10 -11.38 1.93 11.25
N LYS B 11 -12.64 2.35 11.20
CA LYS B 11 -13.29 2.52 9.91
C LYS B 11 -12.64 3.63 9.10
N LEU B 12 -12.27 4.73 9.76
CA LEU B 12 -11.56 5.80 9.07
C LEU B 12 -10.23 5.29 8.52
N ALA B 13 -9.48 4.56 9.34
CA ALA B 13 -8.19 4.02 8.89
C ALA B 13 -8.39 3.10 7.69
N GLU B 14 -9.45 2.29 7.70
CA GLU B 14 -9.70 1.41 6.58
C GLU B 14 -9.92 2.20 5.30
N GLN B 15 -10.75 3.25 5.37
CA GLN B 15 -10.98 4.09 4.19
C GLN B 15 -9.69 4.70 3.68
N ALA B 16 -8.82 5.12 4.59
CA ALA B 16 -7.52 5.72 4.26
C ALA B 16 -6.47 4.69 3.87
N GLU B 17 -6.81 3.40 3.88
CA GLU B 17 -5.88 2.30 3.61
C GLU B 17 -4.66 2.37 4.53
N ARG B 18 -4.90 2.68 5.80
CA ARG B 18 -3.86 2.70 6.82
C ARG B 18 -4.12 1.54 7.77
N TYR B 19 -3.67 0.36 7.38
CA TYR B 19 -4.11 -0.86 8.06
C TYR B 19 -3.36 -1.11 9.36
N ASP B 20 -2.13 -0.62 9.50
CA ASP B 20 -1.47 -0.62 10.81
C ASP B 20 -2.32 0.13 11.83
N ASP B 21 -2.74 1.35 11.49
CA ASP B 21 -3.61 2.11 12.38
C ASP B 21 -4.87 1.30 12.69
N MET B 22 -5.42 0.64 11.68
CA MET B 22 -6.73 0.03 11.86
C MET B 22 -6.61 -1.24 12.69
N ALA B 23 -5.53 -2.00 12.52
CA ALA B 23 -5.27 -3.11 13.41
C ALA B 23 -5.02 -2.66 14.85
N ALA B 24 -4.32 -1.53 15.01
CA ALA B 24 -4.04 -1.05 16.36
C ALA B 24 -5.32 -0.68 17.10
N CYS B 25 -6.26 -0.03 16.38
CA CYS B 25 -7.55 0.32 16.99
C CYS B 25 -8.32 -0.94 17.38
N MET B 26 -8.34 -1.92 16.49
CA MET B 26 -9.16 -3.09 16.75
C MET B 26 -8.53 -3.99 17.80
N LYS B 27 -7.20 -4.02 17.88
CA LYS B 27 -6.54 -4.68 19.00
C LYS B 27 -6.95 -4.05 20.32
N SER B 28 -6.98 -2.71 20.39
CA SER B 28 -7.37 -2.04 21.63
C SER B 28 -8.81 -2.37 21.99
N VAL B 29 -9.70 -2.45 20.99
CA VAL B 29 -11.08 -2.89 21.24
C VAL B 29 -11.09 -4.29 21.83
N THR B 30 -10.36 -5.21 21.21
CA THR B 30 -10.33 -6.58 21.70
C THR B 30 -9.85 -6.63 23.14
N GLU B 31 -8.81 -5.85 23.47
CA GLU B 31 -8.21 -5.87 24.80
C GLU B 31 -9.14 -5.34 25.89
N GLN B 32 -10.23 -4.68 25.52
CA GLN B 32 -11.19 -4.28 26.53
C GLN B 32 -11.95 -5.46 27.12
N GLY B 33 -11.91 -6.63 26.46
CA GLY B 33 -12.35 -7.86 27.06
C GLY B 33 -13.79 -8.26 26.78
N ALA B 34 -14.56 -7.42 26.10
CA ALA B 34 -15.94 -7.76 25.78
C ALA B 34 -16.00 -8.50 24.44
N GLU B 35 -16.95 -9.42 24.33
CA GLU B 35 -17.10 -10.16 23.08
C GLU B 35 -17.33 -9.17 21.94
N LEU B 36 -16.72 -9.44 20.79
CA LEU B 36 -16.78 -8.52 19.66
C LEU B 36 -18.10 -8.69 18.93
N SER B 37 -18.66 -7.56 18.48
CA SER B 37 -19.78 -7.60 17.56
C SER B 37 -19.33 -8.15 16.21
N ASN B 38 -20.31 -8.48 15.36
CA ASN B 38 -19.98 -8.97 14.04
C ASN B 38 -19.20 -7.93 13.25
N GLU B 39 -19.59 -6.66 13.38
CA GLU B 39 -18.87 -5.58 12.69
C GLU B 39 -17.45 -5.45 13.22
N GLU B 40 -17.28 -5.47 14.54
CA GLU B 40 -15.95 -5.37 15.15
C GLU B 40 -15.08 -6.56 14.74
N ARG B 41 -15.66 -7.77 14.81
CA ARG B 41 -14.99 -8.97 14.35
C ARG B 41 -14.44 -8.81 12.94
N ASN B 42 -15.28 -8.32 12.03
CA ASN B 42 -14.87 -8.20 10.64
C ASN B 42 -13.78 -7.14 10.47
N LEU B 43 -13.88 -6.04 11.22
CA LEU B 43 -12.86 -4.99 11.13
C LEU B 43 -11.52 -5.50 11.64
N LEU B 44 -11.52 -6.23 12.74
CA LEU B 44 -10.29 -6.86 13.23
C LEU B 44 -9.68 -7.75 12.16
N SER B 45 -10.50 -8.61 11.55
CA SER B 45 -10.02 -9.55 10.55
C SER B 45 -9.45 -8.85 9.32
N VAL B 46 -10.17 -7.85 8.82
CA VAL B 46 -9.70 -7.14 7.64
C VAL B 46 -8.37 -6.47 7.90
N ALA B 47 -8.26 -5.82 9.07
CA ALA B 47 -7.05 -5.10 9.42
C ALA B 47 -5.84 -6.02 9.39
N TYR B 48 -5.87 -7.08 10.19
CA TYR B 48 -4.70 -7.94 10.32
C TYR B 48 -4.43 -8.71 9.04
N LYS B 49 -5.47 -9.03 8.26
CA LYS B 49 -5.24 -9.71 6.99
C LYS B 49 -4.41 -8.82 6.05
N ASN B 50 -4.68 -7.51 6.05
CA ASN B 50 -3.92 -6.59 5.21
C ASN B 50 -2.51 -6.38 5.75
N VAL B 51 -2.38 -6.26 7.07
CA VAL B 51 -1.05 -6.07 7.68
C VAL B 51 -0.17 -7.29 7.39
N VAL B 52 -0.66 -8.49 7.68
CA VAL B 52 0.15 -9.67 7.42
C VAL B 52 0.35 -9.89 5.92
N GLY B 53 -0.67 -9.55 5.11
CA GLY B 53 -0.59 -9.82 3.68
C GLY B 53 0.51 -9.02 3.00
N ALA B 54 0.75 -7.80 3.47
CA ALA B 54 1.88 -7.04 2.94
C ALA B 54 3.19 -7.79 3.16
N ARG B 55 3.37 -8.40 4.34
CA ARG B 55 4.61 -9.11 4.61
C ARG B 55 4.69 -10.41 3.82
N ARG B 56 3.58 -11.13 3.72
CA ARG B 56 3.56 -12.37 2.94
C ARG B 56 3.99 -12.10 1.51
N SER B 57 3.44 -11.04 0.90
CA SER B 57 3.81 -10.67 -0.46
C SER B 57 5.29 -10.34 -0.58
N SER B 58 5.79 -9.47 0.30
CA SER B 58 7.20 -9.10 0.24
C SER B 58 8.09 -10.32 0.46
N TRP B 59 7.73 -11.17 1.41
CA TRP B 59 8.52 -12.36 1.69
C TRP B 59 8.66 -13.25 0.45
N ARG B 60 7.56 -13.44 -0.29
CA ARG B 60 7.63 -14.27 -1.48
C ARG B 60 8.58 -13.67 -2.52
N VAL B 61 8.49 -12.34 -2.71
CA VAL B 61 9.36 -11.67 -3.67
C VAL B 61 10.82 -11.85 -3.29
N VAL B 62 11.15 -11.54 -2.04
CA VAL B 62 12.56 -11.58 -1.64
C VAL B 62 13.07 -13.01 -1.59
N SER B 63 12.26 -13.93 -1.04
CA SER B 63 12.65 -15.34 -1.02
C SER B 63 13.02 -15.84 -2.40
N SER B 64 12.26 -15.42 -3.42
CA SER B 64 12.54 -15.81 -4.79
C SER B 64 13.87 -15.24 -5.27
N ILE B 65 14.13 -13.97 -4.97
CA ILE B 65 15.41 -13.37 -5.36
C ILE B 65 16.55 -14.10 -4.67
N GLU B 66 16.38 -14.41 -3.39
CA GLU B 66 17.38 -15.19 -2.68
C GLU B 66 17.66 -16.51 -3.39
N GLN B 67 16.61 -17.19 -3.87
CA GLN B 67 16.78 -18.47 -4.55
C GLN B 67 17.60 -18.31 -5.83
N LYS B 68 17.32 -17.27 -6.61
CA LYS B 68 17.92 -17.10 -7.91
C LYS B 68 19.27 -16.38 -7.89
N THR B 69 19.86 -16.18 -6.71
CA THR B 69 21.15 -15.51 -6.63
C THR B 69 22.28 -16.45 -6.17
N GLU B 70 22.08 -17.76 -6.29
CA GLU B 70 23.18 -18.68 -6.01
C GLU B 70 24.39 -18.34 -6.85
N GLY B 71 25.58 -18.49 -6.26
CA GLY B 71 26.80 -18.17 -6.95
C GLY B 71 27.20 -16.71 -6.92
N ALA B 72 26.34 -15.83 -6.42
CA ALA B 72 26.64 -14.41 -6.23
C ALA B 72 26.52 -14.14 -4.72
N GLU B 73 27.63 -14.38 -4.01
CA GLU B 73 27.55 -14.54 -2.56
C GLU B 73 27.04 -13.28 -1.86
N LYS B 74 27.56 -12.11 -2.25
CA LYS B 74 27.19 -10.90 -1.52
C LYS B 74 25.73 -10.54 -1.76
N LYS B 75 25.27 -10.65 -3.01
CA LYS B 75 23.87 -10.36 -3.31
C LYS B 75 22.93 -11.35 -2.63
N GLN B 76 23.30 -12.63 -2.63
CA GLN B 76 22.46 -13.63 -1.97
C GLN B 76 22.41 -13.40 -0.47
N GLN B 77 23.55 -13.07 0.14
CA GLN B 77 23.53 -12.80 1.56
C GLN B 77 22.61 -11.64 1.89
N MET B 78 22.60 -10.61 1.04
CA MET B 78 21.79 -9.46 1.39
C MET B 78 20.31 -9.77 1.21
N ALA B 79 19.96 -10.58 0.20
CA ALA B 79 18.57 -11.01 0.06
C ALA B 79 18.14 -11.87 1.25
N ARG B 80 18.99 -12.81 1.65
CA ARG B 80 18.70 -13.65 2.81
C ARG B 80 18.42 -12.81 4.05
N GLU B 81 19.29 -11.85 4.35
CA GLU B 81 19.11 -11.05 5.56
C GLU B 81 17.85 -10.19 5.48
N TYR B 82 17.51 -9.72 4.28
CA TYR B 82 16.26 -8.97 4.14
C TYR B 82 15.05 -9.87 4.27
N ARG B 83 15.12 -11.07 3.68
CA ARG B 83 14.06 -12.05 3.89
C ARG B 83 13.85 -12.29 5.37
N GLU B 84 14.94 -12.50 6.11
CA GLU B 84 14.85 -12.79 7.54
C GLU B 84 14.23 -11.63 8.31
N LYS B 85 14.55 -10.40 7.93
CA LYS B 85 13.93 -9.23 8.55
C LYS B 85 12.43 -9.23 8.31
N ILE B 86 12.02 -9.51 7.07
CA ILE B 86 10.60 -9.54 6.74
C ILE B 86 9.92 -10.67 7.48
N GLU B 87 10.56 -11.85 7.56
CA GLU B 87 9.99 -12.96 8.31
C GLU B 87 9.74 -12.61 9.76
N THR B 88 10.68 -11.90 10.38
CA THR B 88 10.50 -11.52 11.77
C THR B 88 9.27 -10.64 11.94
N GLU B 89 9.08 -9.66 11.06
CA GLU B 89 7.85 -8.86 11.09
C GLU B 89 6.62 -9.74 10.93
N LEU B 90 6.66 -10.64 9.95
CA LEU B 90 5.53 -11.53 9.68
C LEU B 90 5.22 -12.39 10.90
N ARG B 91 6.24 -13.01 11.48
CA ARG B 91 6.00 -13.84 12.66
C ARG B 91 5.42 -13.03 13.81
N ASP B 92 5.95 -11.82 14.04
CA ASP B 92 5.45 -10.99 15.14
C ASP B 92 3.99 -10.64 14.94
N ILE B 93 3.60 -10.32 13.69
CA ILE B 93 2.20 -10.03 13.40
C ILE B 93 1.34 -11.25 13.71
N CYS B 94 1.75 -12.42 13.21
CA CYS B 94 0.95 -13.62 13.46
C CYS B 94 0.84 -13.88 14.96
N ASN B 95 1.97 -13.80 15.67
CA ASN B 95 1.93 -14.06 17.10
C ASN B 95 1.07 -13.04 17.82
N ASP B 96 0.99 -11.82 17.28
CA ASP B 96 0.10 -10.81 17.85
C ASP B 96 -1.36 -11.28 17.78
N VAL B 97 -1.79 -11.69 16.59
CA VAL B 97 -3.18 -12.12 16.40
C VAL B 97 -3.45 -13.39 17.19
N LEU B 98 -2.53 -14.35 17.10
CA LEU B 98 -2.73 -15.62 17.78
C LEU B 98 -2.85 -15.42 19.28
N SER B 99 -2.10 -14.47 19.84
CA SER B 99 -2.23 -14.17 21.26
C SER B 99 -3.60 -13.57 21.59
N LEU B 100 -4.09 -12.65 20.75
CA LEU B 100 -5.42 -12.09 20.96
C LEU B 100 -6.47 -13.18 20.89
N LEU B 101 -6.28 -14.14 19.98
CA LEU B 101 -7.23 -15.22 19.83
C LEU B 101 -7.27 -16.11 21.08
N GLU B 102 -6.09 -16.46 21.61
CA GLU B 102 -6.01 -17.28 22.82
C GLU B 102 -6.57 -16.56 24.04
N LYS B 103 -6.24 -15.29 24.22
CA LYS B 103 -6.54 -14.63 25.49
C LYS B 103 -7.98 -14.12 25.53
N PHE B 104 -8.48 -13.57 24.42
CA PHE B 104 -9.75 -12.87 24.41
C PHE B 104 -10.79 -13.55 23.53
N LEU B 105 -10.48 -13.80 22.25
CA LEU B 105 -11.54 -14.04 21.28
C LEU B 105 -12.13 -15.43 21.41
N ILE B 106 -11.31 -16.48 21.38
CA ILE B 106 -11.82 -17.85 21.45
C ILE B 106 -12.48 -18.12 22.80
N PRO B 107 -11.89 -17.74 23.94
CA PRO B 107 -12.51 -18.07 25.23
C PRO B 107 -13.84 -17.39 25.44
N ASN B 108 -14.03 -16.20 24.89
CA ASN B 108 -15.25 -15.41 25.06
C ASN B 108 -16.33 -15.70 24.01
N ALA B 109 -16.05 -16.54 23.02
CA ALA B 109 -17.02 -16.77 21.95
C ALA B 109 -18.19 -17.58 22.50
N SER B 110 -19.38 -16.97 22.55
CA SER B 110 -20.54 -17.62 23.13
C SER B 110 -21.42 -18.31 22.10
N GLN B 111 -21.34 -17.92 20.84
CA GLN B 111 -22.17 -18.50 19.79
C GLN B 111 -21.28 -19.30 18.84
N ALA B 112 -21.87 -20.36 18.26
CA ALA B 112 -21.11 -21.28 17.43
C ALA B 112 -20.42 -20.57 16.27
N GLU B 113 -21.11 -19.64 15.62
CA GLU B 113 -20.50 -19.03 14.44
C GLU B 113 -19.32 -18.15 14.82
N SER B 114 -19.37 -17.51 16.00
CA SER B 114 -18.22 -16.76 16.52
C SER B 114 -17.05 -17.69 16.79
N LYS B 115 -17.31 -18.81 17.45
CA LYS B 115 -16.25 -19.77 17.74
C LYS B 115 -15.61 -20.27 16.45
N VAL B 116 -16.44 -20.61 15.45
CA VAL B 116 -15.90 -21.07 14.17
C VAL B 116 -15.05 -19.98 13.53
N PHE B 117 -15.54 -18.74 13.55
CA PHE B 117 -14.79 -17.62 12.95
C PHE B 117 -13.38 -17.51 13.55
N TYR B 118 -13.27 -17.58 14.88
CA TYR B 118 -11.98 -17.37 15.53
C TYR B 118 -11.07 -18.59 15.41
N LEU B 119 -11.63 -19.80 15.45
CA LEU B 119 -10.81 -20.99 15.20
C LEU B 119 -10.30 -21.00 13.76
N LYS B 120 -11.11 -20.52 12.81
CA LYS B 120 -10.62 -20.38 11.44
C LYS B 120 -9.46 -19.39 11.39
N MET B 121 -9.62 -18.24 12.04
CA MET B 121 -8.54 -17.27 12.11
C MET B 121 -7.28 -17.89 12.69
N LYS B 122 -7.42 -18.65 13.77
CA LYS B 122 -6.27 -19.33 14.37
C LYS B 122 -5.62 -20.26 13.36
N GLY B 123 -6.43 -21.05 12.66
CA GLY B 123 -5.89 -21.88 11.59
C GLY B 123 -5.17 -21.05 10.55
N ASP B 124 -5.73 -19.90 10.18
CA ASP B 124 -5.12 -19.07 9.14
C ASP B 124 -3.74 -18.55 9.57
N TYR B 125 -3.65 -17.98 10.77
CA TYR B 125 -2.41 -17.33 11.14
C TYR B 125 -1.31 -18.34 11.46
N TYR B 126 -1.68 -19.55 11.90
CA TYR B 126 -0.67 -20.60 11.98
C TYR B 126 -0.25 -21.08 10.61
N ARG B 127 -1.17 -21.04 9.65
CA ARG B 127 -0.81 -21.39 8.28
C ARG B 127 0.20 -20.39 7.71
N TYR B 128 0.04 -19.10 8.03
CA TYR B 128 1.01 -18.10 7.56
C TYR B 128 2.36 -18.33 8.23
N LEU B 129 2.36 -18.76 9.49
CA LEU B 129 3.61 -19.13 10.13
C LEU B 129 4.19 -20.36 9.43
N ALA B 130 3.32 -21.30 9.02
CA ALA B 130 3.82 -22.50 8.36
C ALA B 130 4.44 -22.17 7.02
N GLU B 131 3.94 -21.14 6.34
CA GLU B 131 4.48 -20.76 5.03
C GLU B 131 5.95 -20.41 5.12
N VAL B 132 6.41 -19.90 6.26
CA VAL B 132 7.80 -19.45 6.40
C VAL B 132 8.58 -20.28 7.39
N ALA B 133 7.98 -21.30 7.98
CA ALA B 133 8.68 -22.14 8.93
C ALA B 133 9.58 -23.12 8.17
N ALA B 134 10.71 -23.42 8.77
CA ALA B 134 11.61 -24.43 8.25
C ALA B 134 12.02 -25.33 9.41
N GLY B 135 12.66 -26.43 9.06
CA GLY B 135 13.30 -27.26 10.06
C GLY B 135 12.38 -27.66 11.19
N ASP B 136 12.84 -27.42 12.42
CA ASP B 136 12.29 -28.11 13.58
C ASP B 136 10.87 -27.63 13.90
N ASP B 137 10.62 -26.33 13.76
CA ASP B 137 9.35 -25.76 14.23
C ASP B 137 8.16 -26.10 13.33
N LYS B 138 8.40 -26.54 12.10
CA LYS B 138 7.32 -26.54 11.11
C LYS B 138 6.23 -27.56 11.44
N LYS B 139 6.60 -28.80 11.75
CA LYS B 139 5.58 -29.81 11.97
C LYS B 139 4.65 -29.39 13.12
N GLY B 140 5.19 -28.77 14.16
CA GLY B 140 4.35 -28.35 15.26
C GLY B 140 3.43 -27.21 14.88
N ILE B 141 3.92 -26.27 14.07
CA ILE B 141 3.09 -25.17 13.61
C ILE B 141 2.01 -25.69 12.67
N VAL B 142 2.39 -26.61 11.77
CA VAL B 142 1.41 -27.19 10.86
C VAL B 142 0.32 -27.92 11.63
N ASP B 143 0.69 -28.55 12.75
CA ASP B 143 -0.31 -29.29 13.48
C ASP B 143 -1.24 -28.35 14.24
N GLN B 144 -0.72 -27.21 14.73
CA GLN B 144 -1.61 -26.21 15.32
C GLN B 144 -2.62 -25.70 14.32
N SER B 145 -2.18 -25.38 13.11
CA SER B 145 -3.10 -24.94 12.08
C SER B 145 -4.18 -25.99 11.83
N GLN B 146 -3.77 -27.25 11.67
CA GLN B 146 -4.74 -28.28 11.32
C GLN B 146 -5.76 -28.47 12.43
N GLN B 147 -5.30 -28.51 13.69
CA GLN B 147 -6.22 -28.75 14.80
C GLN B 147 -7.24 -27.64 14.95
N ALA B 148 -6.85 -26.39 14.67
CA ALA B 148 -7.79 -25.28 14.75
C ALA B 148 -8.82 -25.37 13.63
N TYR B 149 -8.36 -25.55 12.39
CA TYR B 149 -9.25 -25.74 11.26
C TYR B 149 -10.20 -26.92 11.50
N GLN B 150 -9.66 -28.04 11.98
CA GLN B 150 -10.48 -29.23 12.15
C GLN B 150 -11.58 -29.02 13.17
N GLU B 151 -11.26 -28.41 14.31
CA GLU B 151 -12.31 -28.11 15.28
C GLU B 151 -13.32 -27.13 14.71
N ALA B 152 -12.85 -26.07 14.03
CA ALA B 152 -13.79 -25.17 13.36
C ALA B 152 -14.67 -25.95 12.38
N PHE B 153 -14.08 -26.91 11.65
CA PHE B 153 -14.83 -27.67 10.66
C PHE B 153 -15.94 -28.50 11.29
N GLU B 154 -15.61 -29.21 12.37
CA GLU B 154 -16.61 -30.04 13.03
C GLU B 154 -17.75 -29.20 13.59
N ILE B 155 -17.43 -28.07 14.23
CA ILE B 155 -18.46 -27.22 14.80
C ILE B 155 -19.37 -26.68 13.71
N SER B 156 -18.77 -26.18 12.61
CA SER B 156 -19.59 -25.60 11.55
C SER B 156 -20.48 -26.64 10.91
N LYS B 157 -19.99 -27.88 10.78
CA LYS B 157 -20.82 -28.89 10.14
C LYS B 157 -21.99 -29.28 11.01
N LYS B 158 -21.87 -29.09 12.33
CA LYS B 158 -22.93 -29.41 13.27
C LYS B 158 -23.91 -28.26 13.48
N GLU B 159 -23.45 -27.00 13.41
CA GLU B 159 -24.24 -25.86 13.85
C GLU B 159 -24.63 -24.87 12.76
N MET B 160 -24.00 -24.90 11.59
CA MET B 160 -24.17 -23.86 10.58
C MET B 160 -24.65 -24.46 9.26
N GLN B 161 -25.53 -23.73 8.56
CA GLN B 161 -26.08 -24.27 7.32
C GLN B 161 -25.01 -24.25 6.23
N PRO B 162 -25.14 -25.10 5.21
CA PRO B 162 -24.12 -25.15 4.14
C PRO B 162 -23.84 -23.82 3.47
N THR B 163 -24.82 -22.92 3.35
CA THR B 163 -24.58 -21.62 2.70
C THR B 163 -24.08 -20.55 3.66
N HIS B 164 -23.84 -20.88 4.92
CA HIS B 164 -23.35 -19.86 5.83
C HIS B 164 -21.98 -19.39 5.35
N PRO B 165 -21.78 -18.08 5.22
CA PRO B 165 -20.50 -17.59 4.67
C PRO B 165 -19.30 -18.01 5.48
N ILE B 166 -19.45 -18.21 6.80
CA ILE B 166 -18.30 -18.56 7.60
C ILE B 166 -17.96 -20.03 7.38
N ARG B 167 -18.97 -20.88 7.29
CA ARG B 167 -18.73 -22.28 6.98
C ARG B 167 -18.06 -22.42 5.62
N LEU B 168 -18.54 -21.68 4.62
CA LEU B 168 -17.95 -21.72 3.29
C LEU B 168 -16.50 -21.25 3.30
N GLY B 169 -16.24 -20.11 3.95
CA GLY B 169 -14.88 -19.59 4.00
C GLY B 169 -13.93 -20.50 4.74
N LEU B 170 -14.42 -21.18 5.78
CA LEU B 170 -13.60 -22.17 6.48
C LEU B 170 -13.22 -23.30 5.52
N ALA B 171 -14.19 -23.81 4.76
CA ALA B 171 -13.89 -24.83 3.77
C ALA B 171 -12.85 -24.35 2.77
N LEU B 172 -12.99 -23.11 2.28
CA LEU B 172 -12.04 -22.58 1.32
C LEU B 172 -10.63 -22.58 1.89
N ASN B 173 -10.44 -22.06 3.10
CA ASN B 173 -9.08 -21.95 3.61
C ASN B 173 -8.52 -23.30 4.06
N PHE B 174 -9.35 -24.12 4.70
CA PHE B 174 -8.92 -25.47 5.07
C PHE B 174 -8.50 -26.25 3.83
N SER B 175 -9.24 -26.08 2.73
CA SER B 175 -8.86 -26.75 1.49
C SER B 175 -7.52 -26.24 0.98
N VAL B 176 -7.29 -24.92 1.04
CA VAL B 176 -5.97 -24.40 0.66
C VAL B 176 -4.89 -25.00 1.57
N PHE B 177 -5.17 -25.08 2.87
CA PHE B 177 -4.21 -25.69 3.80
C PHE B 177 -3.84 -27.10 3.36
N TYR B 178 -4.83 -27.92 3.02
CA TYR B 178 -4.52 -29.27 2.54
C TYR B 178 -3.68 -29.22 1.27
N TYR B 179 -4.02 -28.33 0.35
CA TYR B 179 -3.31 -28.30 -0.93
C TYR B 179 -1.87 -27.83 -0.77
N GLU B 180 -1.67 -26.69 -0.09
CA GLU B 180 -0.35 -26.04 -0.06
C GLU B 180 0.52 -26.46 1.11
N ILE B 181 -0.09 -26.72 2.27
CA ILE B 181 0.71 -27.01 3.44
C ILE B 181 0.89 -28.50 3.65
N LEU B 182 -0.15 -29.30 3.44
CA LEU B 182 -0.09 -30.76 3.53
C LEU B 182 0.17 -31.44 2.19
N ASN B 183 0.26 -30.68 1.11
CA ASN B 183 0.47 -31.21 -0.24
C ASN B 183 -0.41 -32.43 -0.52
N SER B 184 -1.72 -32.23 -0.42
CA SER B 184 -2.68 -33.27 -0.82
C SER B 184 -3.74 -32.65 -1.71
N PRO B 185 -3.52 -32.60 -3.02
CA PRO B 185 -4.56 -32.08 -3.91
C PRO B 185 -5.90 -32.79 -3.75
N GLU B 186 -5.88 -34.10 -3.51
CA GLU B 186 -7.13 -34.86 -3.47
C GLU B 186 -8.02 -34.40 -2.32
N LYS B 187 -7.46 -34.28 -1.13
CA LYS B 187 -8.28 -33.89 0.00
C LYS B 187 -8.70 -32.43 -0.11
N ALA B 188 -7.83 -31.59 -0.69
CA ALA B 188 -8.21 -30.19 -0.91
C ALA B 188 -9.38 -30.07 -1.87
N CYS B 189 -9.37 -30.85 -2.95
CA CYS B 189 -10.44 -30.79 -3.93
C CYS B 189 -11.73 -31.39 -3.37
N SER B 190 -11.62 -32.49 -2.63
CA SER B 190 -12.81 -33.09 -2.06
C SER B 190 -13.49 -32.14 -1.09
N LEU B 191 -12.69 -31.42 -0.29
CA LEU B 191 -13.25 -30.51 0.68
C LEU B 191 -13.93 -29.33 -0.02
N ALA B 192 -13.27 -28.77 -1.04
CA ALA B 192 -13.85 -27.64 -1.77
C ALA B 192 -15.09 -28.07 -2.54
N LYS B 193 -15.04 -29.24 -3.19
CA LYS B 193 -16.18 -29.68 -3.98
C LYS B 193 -17.41 -29.95 -3.11
N THR B 194 -17.23 -30.64 -1.98
CA THR B 194 -18.37 -30.87 -1.09
C THR B 194 -18.99 -29.55 -0.63
N ALA B 195 -18.13 -28.59 -0.24
CA ALA B 195 -18.66 -27.32 0.26
C ALA B 195 -19.46 -26.60 -0.81
N PHE B 196 -18.93 -26.56 -2.04
CA PHE B 196 -19.64 -25.93 -3.13
C PHE B 196 -20.95 -26.64 -3.42
N ASP B 197 -20.90 -27.97 -3.53
CA ASP B 197 -22.08 -28.72 -3.92
C ASP B 197 -23.17 -28.63 -2.86
N GLU B 198 -22.79 -28.66 -1.60
CA GLU B 198 -23.81 -28.63 -0.56
C GLU B 198 -24.47 -27.26 -0.48
N ALA B 199 -23.72 -26.18 -0.80
CA ALA B 199 -24.32 -24.85 -0.82
C ALA B 199 -25.21 -24.66 -2.06
N ILE B 200 -24.74 -25.15 -3.22
CA ILE B 200 -25.51 -25.04 -4.47
C ILE B 200 -26.91 -25.61 -4.30
N ALA B 201 -27.06 -26.63 -3.47
CA ALA B 201 -28.33 -27.31 -3.30
C ALA B 201 -29.29 -26.56 -2.39
N GLU B 202 -28.86 -25.45 -1.78
CA GLU B 202 -29.66 -24.77 -0.75
C GLU B 202 -29.58 -23.25 -0.91
N LEU B 203 -29.61 -22.76 -2.15
CA LEU B 203 -29.49 -21.31 -2.36
C LEU B 203 -30.68 -20.56 -1.79
N ASP B 204 -31.82 -21.24 -1.58
CA ASP B 204 -32.97 -20.60 -0.97
C ASP B 204 -32.77 -20.30 0.52
N THR B 205 -31.68 -20.76 1.12
CA THR B 205 -31.36 -20.44 2.52
C THR B 205 -30.49 -19.19 2.65
N LEU B 206 -30.09 -18.59 1.55
CA LEU B 206 -29.35 -17.34 1.59
C LEU B 206 -30.26 -16.22 2.06
N SER B 207 -29.65 -15.21 2.66
CA SER B 207 -30.36 -14.02 3.12
C SER B 207 -29.84 -12.82 2.35
N GLU B 208 -30.61 -11.72 2.38
CA GLU B 208 -30.08 -10.51 1.76
C GLU B 208 -28.78 -10.08 2.42
N GLU B 209 -28.58 -10.42 3.70
CA GLU B 209 -27.37 -10.05 4.41
C GLU B 209 -26.19 -10.97 4.10
N SER B 210 -26.44 -12.22 3.70
CA SER B 210 -25.36 -13.18 3.54
C SER B 210 -25.00 -13.51 2.09
N TYR B 211 -25.89 -13.25 1.12
CA TYR B 211 -25.71 -13.88 -0.18
C TYR B 211 -24.48 -13.37 -0.93
N LYS B 212 -24.09 -12.10 -0.75
CA LYS B 212 -22.93 -11.61 -1.48
C LYS B 212 -21.65 -12.31 -1.01
N ASP B 213 -21.44 -12.40 0.30
CA ASP B 213 -20.27 -13.12 0.81
C ASP B 213 -20.33 -14.59 0.42
N SER B 214 -21.50 -15.20 0.57
CA SER B 214 -21.61 -16.63 0.32
C SER B 214 -21.34 -16.95 -1.15
N THR B 215 -21.95 -16.19 -2.06
CA THR B 215 -21.76 -16.48 -3.47
C THR B 215 -20.35 -16.15 -3.94
N LEU B 216 -19.71 -15.16 -3.32
CA LEU B 216 -18.29 -14.91 -3.64
C LEU B 216 -17.44 -16.13 -3.29
N ILE B 217 -17.61 -16.65 -2.08
CA ILE B 217 -16.77 -17.75 -1.63
C ILE B 217 -17.06 -19.00 -2.45
N MET B 218 -18.32 -19.25 -2.83
CA MET B 218 -18.55 -20.38 -3.73
C MET B 218 -17.81 -20.22 -5.06
N GLN B 219 -17.75 -19.01 -5.60
CA GLN B 219 -16.98 -18.81 -6.82
C GLN B 219 -15.50 -19.08 -6.60
N LEU B 220 -14.95 -18.64 -5.47
CA LEU B 220 -13.55 -18.93 -5.15
C LEU B 220 -13.33 -20.44 -4.97
N LEU B 221 -14.26 -21.13 -4.32
CA LEU B 221 -14.12 -22.58 -4.18
C LEU B 221 -14.02 -23.24 -5.54
N ARG B 222 -14.91 -22.87 -6.48
CA ARG B 222 -14.88 -23.52 -7.79
C ARG B 222 -13.65 -23.09 -8.58
N ASP B 223 -13.24 -21.83 -8.43
CA ASP B 223 -12.00 -21.39 -9.07
C ASP B 223 -10.81 -22.21 -8.61
N ASN B 224 -10.70 -22.48 -7.32
CA ASN B 224 -9.62 -23.34 -6.83
C ASN B 224 -9.74 -24.73 -7.43
N LEU B 225 -10.95 -25.27 -7.48
CA LEU B 225 -11.13 -26.61 -8.06
C LEU B 225 -10.71 -26.63 -9.52
N THR B 226 -11.11 -25.62 -10.29
CA THR B 226 -10.68 -25.50 -11.68
C THR B 226 -9.16 -25.46 -11.79
N LEU B 227 -8.52 -24.63 -10.97
CA LEU B 227 -7.07 -24.53 -11.01
C LEU B 227 -6.41 -25.86 -10.65
N TRP B 228 -6.90 -26.51 -9.60
CA TRP B 228 -6.24 -27.71 -9.09
C TRP B 228 -6.48 -28.95 -9.93
N THR B 229 -7.47 -28.93 -10.82
CA THR B 229 -7.80 -30.08 -11.65
C THR B 229 -7.51 -29.84 -13.13
N SER B 230 -6.57 -28.95 -13.44
CA SER B 230 -6.16 -28.74 -14.83
C SER B 230 -4.81 -29.39 -15.12
N SER C 1 -9.34 13.04 -12.98
CA SER C 1 -8.62 14.04 -12.22
C SER C 1 -7.35 14.45 -12.96
N ARG C 2 -6.86 15.65 -12.70
CA ARG C 2 -5.70 16.15 -13.42
C ARG C 2 -4.47 15.29 -13.10
N ASN C 3 -3.49 15.32 -14.00
CA ASN C 3 -2.28 14.54 -13.76
C ASN C 3 -1.07 15.40 -13.46
N THR C 5 3.33 14.56 -12.86
CA THR C 5 4.22 13.54 -13.43
C THR C 5 4.21 12.28 -12.55
N PRO C 6 4.19 11.10 -13.20
CA PRO C 6 4.29 9.85 -12.43
C PRO C 6 5.55 9.76 -11.58
N GLY C 7 6.65 10.34 -12.02
CA GLY C 7 7.86 10.36 -11.22
C GLY C 7 7.99 11.61 -10.36
N SER D 1 -3.64 -17.76 -9.61
CA SER D 1 -3.23 -18.16 -8.27
C SER D 1 -4.44 -18.52 -7.40
N ARG D 2 -4.28 -19.53 -6.54
CA ARG D 2 -5.38 -20.00 -5.72
C ARG D 2 -5.87 -18.89 -4.79
N ASN D 3 -7.10 -19.02 -4.33
CA ASN D 3 -7.69 -18.00 -3.48
C ASN D 3 -7.97 -18.51 -2.07
N THR D 5 -9.85 -16.81 1.74
CA THR D 5 -10.92 -15.85 1.95
C THR D 5 -10.33 -14.45 2.06
N PRO D 6 -11.03 -13.48 1.50
CA PRO D 6 -10.59 -12.08 1.65
C PRO D 6 -10.87 -11.59 3.06
N GLY D 7 -10.08 -10.62 3.47
CA GLY D 7 -10.24 -9.97 4.76
C GLY D 7 -10.54 -10.88 5.94
#